data_5DB4
#
_entry.id   5DB4
#
_cell.length_a   67.098
_cell.length_b   67.098
_cell.length_c   229.538
_cell.angle_alpha   90.000
_cell.angle_beta   90.000
_cell.angle_gamma   90.000
#
_symmetry.space_group_name_H-M   'I 41'
#
loop_
_entity.id
_entity.type
_entity.pdbx_description
1 polymer 'Nicotinate-nucleotide adenylyltransferase'
2 non-polymer "ADENOSINE-5'-TRIPHOSPHATE"
3 non-polymer 'MAGNESIUM ION'
4 water water
#
_entity_poly.entity_id   1
_entity_poly.type   'polypeptide(L)'
_entity_poly.pdbx_seq_one_letter_code
;GPGSMVQSERRRLGVMGGTFDPIHNGHLVAASEVADRFALDEVIFVPTGQPWQKQGRKVSPAEHRYLMTVIATASNPRFT
VSRADIDRGGATYTVDTLTDLRTAHPDADLYFITGADALASILSWENWEQLFTLAKFIGVSRPGYELSSDHIAHAELPPD
GLSLVEVPALAISSTDCRIRAGQARPIWYLVPDGVVQYVAKHRLYSGNKGNQGGLA
;
_entity_poly.pdbx_strand_id   A,B
#
# COMPACT_ATOMS: atom_id res chain seq x y z
N ARG A 10 -29.73 0.05 -2.27
CA ARG A 10 -28.46 0.32 -3.01
C ARG A 10 -27.24 0.45 -2.09
N ARG A 11 -26.08 0.04 -2.60
CA ARG A 11 -24.82 0.12 -1.83
C ARG A 11 -24.45 1.60 -1.60
N ARG A 12 -23.96 1.90 -0.41
CA ARG A 12 -23.64 3.26 -0.01
C ARG A 12 -22.13 3.38 0.13
N LEU A 13 -21.50 4.00 -0.87
CA LEU A 13 -20.05 4.17 -0.92
C LEU A 13 -19.67 5.58 -0.54
N GLY A 14 -18.94 5.70 0.56
CA GLY A 14 -18.21 6.92 0.85
C GLY A 14 -17.08 7.10 -0.15
N VAL A 15 -16.82 8.36 -0.49
CA VAL A 15 -15.66 8.79 -1.27
C VAL A 15 -14.98 9.95 -0.53
N MET A 16 -13.66 9.87 -0.33
CA MET A 16 -12.90 11.01 0.19
C MET A 16 -11.61 11.25 -0.58
N GLY A 17 -11.62 12.36 -1.32
CA GLY A 17 -10.48 12.83 -2.07
C GLY A 17 -9.54 13.56 -1.14
N GLY A 18 -8.29 13.64 -1.54
CA GLY A 18 -7.29 14.31 -0.72
C GLY A 18 -5.93 14.14 -1.34
N THR A 19 -5.03 15.06 -0.99
CA THR A 19 -3.65 14.99 -1.44
C THR A 19 -2.96 13.87 -0.63
N PHE A 20 -3.32 13.75 0.66
CA PHE A 20 -2.85 12.68 1.51
C PHE A 20 -1.31 12.65 1.55
N ASP A 21 -0.75 13.78 1.98
CA ASP A 21 0.69 14.02 1.97
C ASP A 21 1.17 14.68 3.28
N PRO A 22 1.00 14.00 4.42
CA PRO A 22 0.41 12.65 4.59
C PRO A 22 -1.09 12.64 4.96
N ILE A 23 -1.74 11.49 4.73
CA ILE A 23 -3.01 11.16 5.40
C ILE A 23 -2.80 11.17 6.92
N HIS A 24 -3.82 11.62 7.64
CA HIS A 24 -3.71 11.85 9.07
C HIS A 24 -5.03 11.50 9.77
N ASN A 25 -5.03 11.57 11.10
CA ASN A 25 -6.17 11.13 11.89
C ASN A 25 -7.40 12.00 11.75
N GLY A 26 -7.20 13.27 11.43
CA GLY A 26 -8.27 14.16 10.98
C GLY A 26 -9.04 13.67 9.77
N HIS A 27 -8.33 13.25 8.72
CA HIS A 27 -8.97 12.70 7.54
C HIS A 27 -9.75 11.44 7.93
N LEU A 28 -9.10 10.56 8.70
CA LEU A 28 -9.62 9.24 9.01
C LEU A 28 -10.77 9.30 10.00
N VAL A 29 -10.67 10.15 11.02
CA VAL A 29 -11.80 10.29 11.99
C VAL A 29 -13.06 10.88 11.31
N ALA A 30 -12.84 11.69 10.27
CA ALA A 30 -13.94 12.34 9.55
C ALA A 30 -14.69 11.31 8.73
N ALA A 31 -13.93 10.55 7.96
CA ALA A 31 -14.47 9.46 7.15
C ALA A 31 -15.23 8.46 8.01
N SER A 32 -14.71 8.18 9.21
CA SER A 32 -15.32 7.20 10.12
C SER A 32 -16.62 7.69 10.76
N GLU A 33 -16.71 8.99 11.05
CA GLU A 33 -17.94 9.58 11.58
C GLU A 33 -19.04 9.52 10.53
N VAL A 34 -18.72 9.98 9.33
CA VAL A 34 -19.66 9.99 8.20
C VAL A 34 -20.17 8.57 7.91
N ALA A 35 -19.24 7.62 7.84
CA ALA A 35 -19.56 6.20 7.66
C ALA A 35 -20.61 5.71 8.69
N ASP A 36 -20.44 6.10 9.95
CA ASP A 36 -21.42 5.77 10.98
C ASP A 36 -22.78 6.48 10.76
N ARG A 37 -22.76 7.80 10.53
CA ARG A 37 -24.01 8.58 10.51
C ARG A 37 -24.93 8.25 9.33
N PHE A 38 -24.36 7.91 8.18
CA PHE A 38 -25.11 7.52 6.98
C PHE A 38 -24.99 6.02 6.66
N ALA A 39 -24.69 5.18 7.66
CA ALA A 39 -24.53 3.73 7.45
C ALA A 39 -23.86 3.34 6.11
N LEU A 40 -22.66 3.86 5.87
CA LEU A 40 -21.92 3.52 4.64
C LEU A 40 -21.30 2.13 4.78
N ASP A 41 -21.24 1.42 3.65
CA ASP A 41 -20.67 0.07 3.60
C ASP A 41 -19.17 0.16 3.41
N GLU A 42 -18.75 1.16 2.64
CA GLU A 42 -17.35 1.37 2.30
C GLU A 42 -17.04 2.86 2.26
N VAL A 43 -15.82 3.24 2.62
CA VAL A 43 -15.26 4.52 2.21
C VAL A 43 -14.02 4.28 1.33
N ILE A 44 -14.08 4.72 0.07
CA ILE A 44 -12.93 4.74 -0.82
C ILE A 44 -12.18 6.07 -0.66
N PHE A 45 -10.92 5.98 -0.24
CA PHE A 45 -10.02 7.14 -0.20
C PHE A 45 -9.35 7.26 -1.54
N VAL A 46 -9.37 8.46 -2.13
CA VAL A 46 -8.83 8.68 -3.48
C VAL A 46 -7.73 9.76 -3.51
N PRO A 47 -6.46 9.34 -3.39
CA PRO A 47 -5.34 10.26 -3.57
C PRO A 47 -5.43 11.06 -4.88
N THR A 48 -5.32 12.38 -4.79
CA THR A 48 -5.27 13.22 -5.98
C THR A 48 -4.01 12.93 -6.82
N GLY A 49 -4.13 13.12 -8.13
CA GLY A 49 -2.98 13.07 -9.02
C GLY A 49 -2.03 14.22 -8.80
N GLN A 50 -0.83 14.11 -9.36
CA GLN A 50 0.16 15.20 -9.28
C GLN A 50 -0.34 16.42 -10.06
N ARG A 57 5.74 24.61 -2.78
CA ARG A 57 5.07 23.40 -2.31
C ARG A 57 5.46 22.18 -3.16
N LYS A 58 6.31 21.34 -2.59
CA LYS A 58 6.63 20.02 -3.16
C LYS A 58 5.57 18.98 -2.73
N VAL A 59 4.85 18.40 -3.70
CA VAL A 59 3.91 17.29 -3.42
C VAL A 59 4.69 15.99 -3.58
N SER A 60 4.73 15.16 -2.53
CA SER A 60 5.40 13.84 -2.58
C SER A 60 4.88 13.03 -3.75
N PRO A 61 5.75 12.23 -4.40
CA PRO A 61 5.30 11.37 -5.52
C PRO A 61 4.01 10.61 -5.25
N ALA A 62 3.21 10.40 -6.30
CA ALA A 62 1.88 9.80 -6.18
C ALA A 62 1.93 8.44 -5.47
N GLU A 63 2.90 7.61 -5.86
CA GLU A 63 3.02 6.28 -5.29
C GLU A 63 3.21 6.30 -3.77
N HIS A 64 4.01 7.23 -3.26
CA HIS A 64 4.19 7.35 -1.81
C HIS A 64 2.89 7.75 -1.10
N ARG A 65 2.15 8.69 -1.68
CA ARG A 65 0.90 9.19 -1.09
C ARG A 65 -0.18 8.10 -1.11
N TYR A 66 -0.31 7.44 -2.26
CA TYR A 66 -1.10 6.20 -2.40
C TYR A 66 -0.81 5.13 -1.31
N LEU A 67 0.46 4.80 -1.13
CA LEU A 67 0.83 3.71 -0.21
C LEU A 67 0.57 4.05 1.25
N MET A 68 0.95 5.26 1.65
CA MET A 68 0.63 5.78 2.98
C MET A 68 -0.86 5.75 3.28
N THR A 69 -1.67 5.90 2.24
CA THR A 69 -3.10 5.83 2.36
C THR A 69 -3.59 4.37 2.50
N VAL A 70 -2.98 3.44 1.77
CA VAL A 70 -3.28 1.99 1.90
C VAL A 70 -2.89 1.50 3.31
N ILE A 71 -1.67 1.85 3.72
CA ILE A 71 -1.23 1.55 5.08
C ILE A 71 -2.16 2.15 6.15
N ALA A 72 -2.54 3.43 6.01
CA ALA A 72 -3.43 4.11 6.96
C ALA A 72 -4.81 3.47 7.08
N THR A 73 -5.42 3.14 5.95
CA THR A 73 -6.75 2.56 5.88
C THR A 73 -6.81 1.02 6.04
N ALA A 74 -5.66 0.36 6.06
CA ALA A 74 -5.60 -1.12 6.10
C ALA A 74 -6.44 -1.74 7.24
N SER A 75 -6.18 -1.31 8.48
CA SER A 75 -6.83 -1.83 9.68
C SER A 75 -8.35 -1.64 9.77
N ASN A 76 -8.94 -0.74 8.98
CA ASN A 76 -10.36 -0.45 9.05
C ASN A 76 -11.12 -1.29 8.02
N PRO A 77 -11.98 -2.22 8.49
CA PRO A 77 -12.71 -3.07 7.56
C PRO A 77 -13.50 -2.36 6.47
N ARG A 78 -13.95 -1.13 6.72
CA ARG A 78 -14.75 -0.40 5.74
C ARG A 78 -13.99 0.57 4.82
N PHE A 79 -12.69 0.82 5.04
CA PHE A 79 -11.94 1.80 4.25
C PHE A 79 -11.07 1.14 3.17
N THR A 80 -11.23 1.54 1.91
CA THR A 80 -10.32 1.14 0.82
C THR A 80 -9.66 2.36 0.16
N VAL A 81 -8.80 2.08 -0.83
CA VAL A 81 -8.16 3.13 -1.62
C VAL A 81 -8.37 2.88 -3.11
N SER A 82 -8.65 3.95 -3.86
CA SER A 82 -8.61 3.92 -5.33
C SER A 82 -7.38 4.68 -5.83
N ARG A 83 -6.65 4.06 -6.74
CA ARG A 83 -5.59 4.73 -7.50
C ARG A 83 -6.12 5.30 -8.85
N ALA A 84 -7.41 5.56 -8.97
CA ALA A 84 -7.98 6.02 -10.24
C ALA A 84 -7.50 7.43 -10.59
N ASP A 85 -7.63 8.37 -9.66
CA ASP A 85 -7.20 9.75 -9.89
C ASP A 85 -5.72 9.86 -10.21
N ILE A 86 -4.86 9.14 -9.47
CA ILE A 86 -3.41 9.14 -9.75
C ILE A 86 -3.02 8.53 -11.11
N ASP A 87 -3.81 7.56 -11.58
CA ASP A 87 -3.57 6.89 -12.88
C ASP A 87 -4.16 7.62 -14.07
N ARG A 88 -5.19 8.45 -13.87
CA ARG A 88 -5.79 9.20 -14.98
C ARG A 88 -4.76 10.11 -15.64
N GLY A 89 -3.93 10.77 -14.83
CA GLY A 89 -2.85 11.61 -15.31
C GLY A 89 -3.32 13.04 -15.36
N GLY A 90 -2.40 13.97 -15.10
CA GLY A 90 -2.73 15.38 -15.01
C GLY A 90 -3.52 15.74 -13.76
N ALA A 91 -4.16 16.89 -13.82
CA ALA A 91 -4.85 17.48 -12.68
C ALA A 91 -6.20 16.79 -12.36
N THR A 92 -6.51 16.75 -11.07
CA THR A 92 -7.70 16.09 -10.56
C THR A 92 -8.83 17.12 -10.38
N TYR A 93 -9.94 16.87 -11.07
CA TYR A 93 -11.16 17.65 -10.92
C TYR A 93 -12.24 16.75 -10.32
N THR A 94 -13.03 17.33 -9.42
CA THR A 94 -14.05 16.58 -8.68
C THR A 94 -15.02 15.85 -9.61
N VAL A 95 -15.34 16.49 -10.73
CA VAL A 95 -16.23 15.90 -11.73
C VAL A 95 -15.65 14.62 -12.34
N ASP A 96 -14.36 14.65 -12.64
CA ASP A 96 -13.69 13.48 -13.20
C ASP A 96 -13.62 12.34 -12.19
N THR A 97 -13.34 12.67 -10.93
CA THR A 97 -13.30 11.67 -9.86
C THR A 97 -14.64 10.94 -9.73
N LEU A 98 -15.72 11.70 -9.59
CA LEU A 98 -17.04 11.11 -9.38
C LEU A 98 -17.57 10.36 -10.59
N THR A 99 -17.31 10.87 -11.79
CA THR A 99 -17.77 10.22 -13.02
C THR A 99 -17.12 8.84 -13.21
N ASP A 100 -15.82 8.76 -12.95
CA ASP A 100 -15.12 7.48 -13.01
C ASP A 100 -15.60 6.52 -11.94
N LEU A 101 -15.82 7.02 -10.73
CA LEU A 101 -16.41 6.18 -9.68
C LEU A 101 -17.83 5.72 -10.01
N ARG A 102 -18.63 6.58 -10.64
CA ARG A 102 -19.95 6.17 -11.15
C ARG A 102 -19.83 5.03 -12.16
N THR A 103 -18.87 5.16 -13.07
CA THR A 103 -18.63 4.12 -14.07
C THR A 103 -18.08 2.83 -13.46
N ALA A 104 -17.20 2.96 -12.46
CA ALA A 104 -16.58 1.79 -11.80
C ALA A 104 -17.47 1.08 -10.76
N HIS A 105 -18.50 1.75 -10.28
CA HIS A 105 -19.43 1.18 -9.30
C HIS A 105 -20.84 1.54 -9.69
N PRO A 106 -21.30 1.06 -10.88
CA PRO A 106 -22.56 1.52 -11.48
C PRO A 106 -23.77 1.46 -10.55
N ASP A 107 -23.83 0.45 -9.68
CA ASP A 107 -25.02 0.19 -8.84
C ASP A 107 -25.00 0.79 -7.42
N ALA A 108 -23.99 1.61 -7.12
CA ALA A 108 -23.82 2.22 -5.79
C ALA A 108 -24.27 3.68 -5.76
N ASP A 109 -24.62 4.16 -4.56
CA ASP A 109 -24.83 5.57 -4.27
C ASP A 109 -23.52 6.14 -3.66
N LEU A 110 -22.97 7.17 -4.30
CA LEU A 110 -21.70 7.79 -3.87
C LEU A 110 -21.99 8.91 -2.88
N TYR A 111 -21.20 8.95 -1.80
CA TYR A 111 -21.26 10.04 -0.83
C TYR A 111 -19.88 10.69 -0.81
N PHE A 112 -19.76 11.88 -1.40
CA PHE A 112 -18.47 12.57 -1.48
C PHE A 112 -18.27 13.37 -0.20
N ILE A 113 -17.24 12.98 0.55
CA ILE A 113 -16.92 13.52 1.87
C ILE A 113 -15.87 14.63 1.73
N THR A 114 -16.11 15.77 2.38
CA THR A 114 -15.29 16.96 2.15
C THR A 114 -15.33 17.89 3.34
N GLY A 115 -14.15 18.33 3.80
CA GLY A 115 -14.05 19.25 4.95
C GLY A 115 -14.38 20.68 4.54
N ALA A 116 -14.51 21.55 5.55
CA ALA A 116 -15.13 22.87 5.35
C ALA A 116 -14.38 23.72 4.32
N ASP A 117 -13.05 23.69 4.37
CA ASP A 117 -12.23 24.45 3.43
C ASP A 117 -12.42 24.02 1.99
N ALA A 118 -12.43 22.71 1.75
CA ALA A 118 -12.52 22.18 0.37
C ALA A 118 -13.96 22.30 -0.18
N LEU A 119 -14.94 22.22 0.72
CA LEU A 119 -16.34 22.48 0.38
C LEU A 119 -16.57 23.91 -0.13
N ALA A 120 -16.06 24.89 0.61
CA ALA A 120 -16.14 26.30 0.18
C ALA A 120 -15.52 26.47 -1.20
N SER A 121 -14.38 25.81 -1.40
CA SER A 121 -13.68 25.88 -2.67
C SER A 121 -14.48 25.31 -3.83
N ILE A 122 -15.15 24.17 -3.61
CA ILE A 122 -16.05 23.55 -4.62
C ILE A 122 -17.27 24.42 -4.91
N LEU A 123 -17.92 24.89 -3.85
CA LEU A 123 -19.05 25.79 -4.01
C LEU A 123 -18.65 27.11 -4.71
N SER A 124 -17.44 27.62 -4.46
CA SER A 124 -16.98 28.87 -5.03
C SER A 124 -16.46 28.74 -6.44
N TRP A 125 -15.81 27.61 -6.76
CA TRP A 125 -15.02 27.50 -8.01
C TRP A 125 -15.43 26.43 -9.00
N GLU A 126 -16.37 25.55 -8.62
CA GLU A 126 -16.78 24.45 -9.51
C GLU A 126 -18.28 24.47 -9.76
N ASN A 127 -18.68 23.83 -10.85
CA ASN A 127 -20.10 23.63 -11.17
C ASN A 127 -20.67 22.55 -10.27
N TRP A 128 -20.95 22.95 -9.04
CA TRP A 128 -21.35 22.01 -7.99
C TRP A 128 -22.76 21.41 -8.20
N GLU A 129 -23.62 22.11 -8.96
CA GLU A 129 -24.96 21.58 -9.25
C GLU A 129 -24.81 20.29 -10.05
N GLN A 130 -23.96 20.30 -11.08
CA GLN A 130 -23.65 19.06 -11.80
C GLN A 130 -23.10 17.99 -10.85
N LEU A 131 -22.14 18.38 -10.01
CA LEU A 131 -21.52 17.45 -9.06
C LEU A 131 -22.53 16.79 -8.14
N PHE A 132 -23.54 17.55 -7.73
CA PHE A 132 -24.61 17.02 -6.89
C PHE A 132 -25.48 15.94 -7.60
N THR A 133 -25.45 15.91 -8.95
CA THR A 133 -26.11 14.86 -9.71
C THR A 133 -25.33 13.54 -9.76
N LEU A 134 -24.04 13.60 -9.42
CA LEU A 134 -23.20 12.42 -9.39
C LEU A 134 -23.05 11.80 -7.98
N ALA A 135 -23.37 12.57 -6.93
CA ALA A 135 -23.15 12.09 -5.55
C ALA A 135 -23.85 12.96 -4.53
N LYS A 136 -24.08 12.39 -3.33
CA LYS A 136 -24.51 13.17 -2.16
C LYS A 136 -23.26 13.78 -1.57
N PHE A 137 -23.32 15.05 -1.19
CA PHE A 137 -22.16 15.74 -0.64
C PHE A 137 -22.28 15.83 0.86
N ILE A 138 -21.24 15.37 1.55
CA ILE A 138 -21.19 15.37 2.99
C ILE A 138 -20.06 16.32 3.39
N GLY A 139 -20.43 17.55 3.73
CA GLY A 139 -19.51 18.52 4.27
C GLY A 139 -19.28 18.21 5.75
N VAL A 140 -18.01 18.13 6.15
CA VAL A 140 -17.66 17.85 7.56
C VAL A 140 -16.90 19.03 8.16
N SER A 141 -16.95 19.13 9.48
CA SER A 141 -16.28 20.21 10.18
C SER A 141 -14.75 19.98 10.20
N ARG A 142 -14.02 21.09 10.22
CA ARG A 142 -12.58 21.10 10.43
C ARG A 142 -12.26 22.30 11.32
N PRO A 143 -11.46 22.11 12.40
CA PRO A 143 -11.07 23.23 13.26
C PRO A 143 -10.40 24.36 12.50
N GLY A 144 -10.79 25.59 12.79
CA GLY A 144 -10.25 26.78 12.11
C GLY A 144 -10.86 27.14 10.77
N TYR A 145 -12.02 26.55 10.45
CA TYR A 145 -12.79 26.84 9.22
C TYR A 145 -14.27 26.86 9.51
N GLU A 146 -15.02 27.52 8.63
CA GLU A 146 -16.44 27.78 8.85
C GLU A 146 -17.27 26.84 7.99
N LEU A 147 -18.04 25.95 8.63
CA LEU A 147 -18.95 25.06 7.90
C LEU A 147 -20.35 25.71 7.77
N SER A 148 -20.66 26.21 6.58
CA SER A 148 -22.01 26.72 6.25
C SER A 148 -22.21 26.78 4.74
N GLY A 161 -29.45 17.25 -0.82
CA GLY A 161 -28.33 17.15 -1.77
C GLY A 161 -26.96 17.37 -1.16
N LEU A 162 -26.94 18.12 -0.05
CA LEU A 162 -25.75 18.43 0.71
C LEU A 162 -26.08 18.29 2.18
N SER A 163 -25.19 17.67 2.95
CA SER A 163 -25.39 17.53 4.37
C SER A 163 -24.15 17.99 5.14
N LEU A 164 -24.38 18.67 6.25
CA LEU A 164 -23.34 19.15 7.14
C LEU A 164 -23.34 18.31 8.41
N VAL A 165 -22.18 17.74 8.73
CA VAL A 165 -21.99 16.84 9.88
C VAL A 165 -20.83 17.38 10.74
N GLU A 166 -20.98 17.29 12.06
CA GLU A 166 -19.90 17.61 12.99
C GLU A 166 -19.12 16.33 13.26
N VAL A 167 -17.83 16.33 12.93
CA VAL A 167 -16.96 15.18 13.24
C VAL A 167 -16.02 15.63 14.36
N PRO A 168 -15.39 14.68 15.07
CA PRO A 168 -14.47 15.01 16.17
C PRO A 168 -13.43 16.06 15.79
N ALA A 169 -13.18 17.02 16.70
CA ALA A 169 -12.37 18.20 16.36
C ALA A 169 -10.90 17.90 16.60
N LEU A 170 -10.20 17.58 15.52
CA LEU A 170 -8.77 17.21 15.60
C LEU A 170 -8.02 18.20 14.74
N ALA A 171 -7.35 19.15 15.42
CA ALA A 171 -6.71 20.26 14.74
C ALA A 171 -5.40 19.77 14.17
N ILE A 172 -5.49 19.17 12.99
CA ILE A 172 -4.38 18.48 12.32
C ILE A 172 -4.43 18.81 10.84
N SER A 173 -3.27 19.16 10.29
CA SER A 173 -3.11 19.39 8.86
C SER A 173 -1.88 18.65 8.42
N SER A 174 -1.83 18.29 7.14
CA SER A 174 -0.68 17.62 6.59
C SER A 174 0.53 18.55 6.63
N THR A 175 0.25 19.83 6.33
CA THR A 175 1.22 20.93 6.45
C THR A 175 1.97 20.90 7.75
N ASP A 176 1.24 20.91 8.85
CA ASP A 176 1.85 20.81 10.16
C ASP A 176 2.69 19.54 10.26
N CYS A 177 2.15 18.39 9.82
CA CYS A 177 2.92 17.13 9.80
C CYS A 177 4.22 17.21 8.99
N ARG A 178 4.14 17.74 7.76
CA ARG A 178 5.33 17.97 6.91
C ARG A 178 6.40 18.86 7.56
N ILE A 179 5.96 19.93 8.24
CA ILE A 179 6.86 20.82 8.98
C ILE A 179 7.48 20.10 10.18
N ARG A 180 6.68 19.38 10.93
CA ARG A 180 7.20 18.55 12.02
C ARG A 180 8.24 17.52 11.53
N ALA A 181 7.90 16.75 10.51
CA ALA A 181 8.81 15.73 9.96
C ALA A 181 10.16 16.32 9.52
N GLY A 182 10.13 17.45 8.81
CA GLY A 182 11.35 18.20 8.40
C GLY A 182 12.20 18.77 9.54
N GLN A 183 11.58 19.10 10.66
CA GLN A 183 12.28 19.56 11.86
C GLN A 183 12.59 18.46 12.86
N ALA A 184 12.48 17.19 12.44
CA ALA A 184 12.67 16.02 13.31
C ALA A 184 11.82 16.05 14.61
N ARG A 185 10.63 16.64 14.50
CA ARG A 185 9.65 16.71 15.60
C ARG A 185 8.62 15.60 15.35
N PRO A 186 8.01 15.06 16.41
CA PRO A 186 7.23 13.83 16.24
C PRO A 186 5.88 14.07 15.60
N ILE A 187 5.46 13.15 14.73
CA ILE A 187 4.08 13.12 14.22
C ILE A 187 3.25 11.94 14.74
N TRP A 188 3.72 11.33 15.83
CA TRP A 188 2.97 10.28 16.53
C TRP A 188 1.59 10.79 16.97
N TYR A 189 0.57 9.97 16.79
CA TYR A 189 -0.79 10.28 17.26
C TYR A 189 -1.50 11.41 16.50
N LEU A 190 -0.81 12.02 15.53
CA LEU A 190 -1.41 12.84 14.46
C LEU A 190 -1.71 12.03 13.19
N VAL A 191 -0.86 11.05 12.89
CA VAL A 191 -1.06 10.10 11.79
C VAL A 191 -1.03 8.69 12.37
N PRO A 192 -1.56 7.69 11.65
CA PRO A 192 -1.39 6.32 12.12
C PRO A 192 0.09 5.91 12.27
N ASP A 193 0.33 4.98 13.20
CA ASP A 193 1.64 4.36 13.44
C ASP A 193 2.31 3.95 12.12
N GLY A 194 1.55 3.36 11.21
CA GLY A 194 2.03 2.99 9.88
C GLY A 194 2.59 4.15 9.07
N VAL A 195 1.93 5.31 9.18
CA VAL A 195 2.37 6.51 8.49
C VAL A 195 3.61 7.10 9.19
N VAL A 196 3.65 7.04 10.52
CA VAL A 196 4.85 7.47 11.25
C VAL A 196 6.06 6.68 10.77
N GLN A 197 5.91 5.35 10.70
CA GLN A 197 6.97 4.44 10.25
C GLN A 197 7.35 4.75 8.79
N TYR A 198 6.34 4.84 7.93
CA TYR A 198 6.53 5.06 6.49
C TYR A 198 7.22 6.37 6.19
N VAL A 199 6.90 7.42 6.92
CA VAL A 199 7.57 8.71 6.72
C VAL A 199 9.04 8.64 7.13
N ALA A 200 9.34 7.98 8.25
CA ALA A 200 10.72 7.78 8.70
C ALA A 200 11.57 6.94 7.75
N LYS A 201 11.00 5.85 7.27
CA LYS A 201 11.71 4.92 6.42
C LYS A 201 12.07 5.53 5.07
N HIS A 202 11.11 6.17 4.42
CA HIS A 202 11.36 6.80 3.10
C HIS A 202 11.79 8.27 3.18
N ARG A 203 11.93 8.80 4.41
CA ARG A 203 12.45 10.16 4.66
C ARG A 203 11.71 11.22 3.81
N LEU A 204 10.39 11.25 3.94
CA LEU A 204 9.55 11.97 2.98
C LEU A 204 9.66 13.50 3.01
N TYR A 205 9.89 14.08 4.18
CA TYR A 205 9.83 15.55 4.28
C TYR A 205 11.08 16.14 4.91
N SER A 206 12.24 15.55 4.62
CA SER A 206 13.53 16.07 5.09
C SER A 206 14.59 15.96 4.00
N ARG B 10 30.25 0.18 0.30
CA ARG B 10 29.16 -0.11 -0.68
C ARG B 10 27.88 -0.57 0.00
N ARG B 11 26.77 0.14 -0.24
CA ARG B 11 25.44 -0.23 0.28
C ARG B 11 25.05 -1.63 -0.21
N ARG B 12 24.40 -2.39 0.68
CA ARG B 12 24.11 -3.81 0.45
C ARG B 12 22.59 -4.00 0.43
N LEU B 13 22.07 -4.42 -0.72
CA LEU B 13 20.64 -4.47 -0.98
C LEU B 13 20.24 -5.89 -1.32
N GLY B 14 19.33 -6.45 -0.53
CA GLY B 14 18.76 -7.74 -0.87
C GLY B 14 17.62 -7.57 -1.85
N VAL B 15 17.40 -8.60 -2.65
CA VAL B 15 16.29 -8.64 -3.58
C VAL B 15 15.59 -9.98 -3.42
N MET B 16 14.30 -9.92 -3.08
CA MET B 16 13.48 -11.11 -3.00
C MET B 16 12.25 -11.01 -3.88
N GLY B 17 12.33 -11.75 -4.99
CA GLY B 17 11.21 -11.88 -5.91
C GLY B 17 10.25 -12.94 -5.45
N GLY B 18 9.02 -12.79 -5.88
CA GLY B 18 8.00 -13.78 -5.61
C GLY B 18 6.67 -13.36 -6.19
N THR B 19 5.78 -14.32 -6.31
CA THR B 19 4.39 -14.05 -6.63
C THR B 19 3.72 -13.28 -5.47
N PHE B 20 4.00 -13.71 -4.22
CA PHE B 20 3.46 -13.10 -2.99
C PHE B 20 1.94 -13.06 -3.01
N ASP B 21 1.37 -14.23 -3.22
CA ASP B 21 -0.07 -14.37 -3.37
C ASP B 21 -0.61 -15.43 -2.40
N PRO B 22 -0.58 -15.14 -1.08
CA PRO B 22 -0.05 -13.95 -0.40
C PRO B 22 1.40 -14.08 0.10
N ILE B 23 2.02 -12.93 0.34
CA ILE B 23 3.25 -12.89 1.12
C ILE B 23 2.95 -13.47 2.52
N HIS B 24 3.96 -14.09 3.14
CA HIS B 24 3.75 -14.88 4.34
C HIS B 24 4.99 -14.80 5.22
N ASN B 25 4.90 -15.34 6.43
CA ASN B 25 6.02 -15.25 7.40
C ASN B 25 7.30 -16.00 7.05
N GLY B 26 7.19 -17.07 6.27
CA GLY B 26 8.35 -17.72 5.63
C GLY B 26 9.17 -16.84 4.70
N HIS B 27 8.51 -15.99 3.90
CA HIS B 27 9.23 -15.05 3.02
C HIS B 27 9.96 -14.06 3.88
N LEU B 28 9.24 -13.52 4.85
CA LEU B 28 9.76 -12.44 5.69
C LEU B 28 10.90 -12.90 6.61
N VAL B 29 10.79 -14.11 7.15
CA VAL B 29 11.80 -14.61 8.09
C VAL B 29 13.08 -14.94 7.33
N ALA B 30 12.91 -15.50 6.14
CA ALA B 30 14.05 -15.80 5.27
C ALA B 30 14.78 -14.51 4.90
N ALA B 31 14.03 -13.50 4.49
CA ALA B 31 14.59 -12.18 4.21
C ALA B 31 15.30 -11.59 5.41
N SER B 32 14.66 -11.69 6.58
CA SER B 32 15.21 -11.18 7.83
C SER B 32 16.49 -11.91 8.21
N GLU B 33 16.51 -13.22 8.04
CA GLU B 33 17.71 -14.00 8.36
C GLU B 33 18.89 -13.55 7.50
N VAL B 34 18.65 -13.41 6.19
CA VAL B 34 19.69 -13.05 5.22
C VAL B 34 20.22 -11.64 5.46
N ALA B 35 19.31 -10.71 5.74
CA ALA B 35 19.69 -9.35 6.11
C ALA B 35 20.68 -9.32 7.28
N ASP B 36 20.50 -10.21 8.25
CA ASP B 36 21.43 -10.31 9.39
C ASP B 36 22.77 -10.95 9.05
N ARG B 37 22.73 -12.09 8.37
CA ARG B 37 23.96 -12.86 8.08
C ARG B 37 24.88 -12.17 7.06
N PHE B 38 24.37 -11.23 6.26
CA PHE B 38 25.16 -10.50 5.25
C PHE B 38 25.13 -8.98 5.43
N ALA B 39 24.77 -8.51 6.62
CA ALA B 39 24.83 -7.08 6.94
C ALA B 39 24.17 -6.19 5.87
N LEU B 40 22.99 -6.60 5.41
CA LEU B 40 22.29 -5.86 4.35
C LEU B 40 21.64 -4.60 4.91
N ASP B 41 21.72 -3.51 4.17
CA ASP B 41 21.17 -2.23 4.62
C ASP B 41 19.67 -2.19 4.37
N GLU B 42 19.24 -2.94 3.37
CA GLU B 42 17.83 -2.99 3.03
C GLU B 42 17.55 -4.25 2.20
N VAL B 43 16.31 -4.71 2.23
CA VAL B 43 15.86 -5.80 1.37
C VAL B 43 14.61 -5.35 0.61
N ILE B 44 14.66 -5.48 -0.72
CA ILE B 44 13.59 -5.05 -1.62
C ILE B 44 12.79 -6.27 -2.06
N PHE B 45 11.49 -6.22 -1.81
CA PHE B 45 10.58 -7.28 -2.22
C PHE B 45 9.98 -6.89 -3.55
N VAL B 46 10.06 -7.80 -4.52
CA VAL B 46 9.70 -7.50 -5.90
C VAL B 46 8.64 -8.47 -6.36
N PRO B 47 7.36 -8.12 -6.16
CA PRO B 47 6.29 -8.94 -6.74
C PRO B 47 6.42 -9.12 -8.27
N THR B 48 6.18 -10.33 -8.76
CA THR B 48 6.33 -10.67 -10.16
C THR B 48 5.10 -10.21 -10.94
N GLY B 49 5.26 -10.00 -12.25
CA GLY B 49 4.15 -9.57 -13.09
C GLY B 49 3.17 -10.70 -13.33
N GLN B 50 1.98 -10.38 -13.80
CA GLN B 50 0.96 -11.40 -14.12
C GLN B 50 1.42 -12.36 -15.23
N ARG B 57 -5.53 -22.25 -11.76
CA ARG B 57 -4.67 -21.38 -10.97
C ARG B 57 -4.66 -19.95 -11.55
N LYS B 58 -5.58 -19.13 -11.05
CA LYS B 58 -5.71 -17.74 -11.45
C LYS B 58 -5.04 -16.82 -10.42
N VAL B 59 -3.81 -16.39 -10.70
CA VAL B 59 -3.02 -15.53 -9.80
C VAL B 59 -3.76 -14.21 -9.55
N SER B 60 -3.93 -13.84 -8.27
CA SER B 60 -4.58 -12.58 -7.90
C SER B 60 -3.99 -11.38 -8.66
N PRO B 61 -4.82 -10.37 -8.95
CA PRO B 61 -4.30 -9.16 -9.64
C PRO B 61 -3.05 -8.59 -8.98
N ALA B 62 -2.11 -8.10 -9.79
CA ALA B 62 -0.81 -7.62 -9.33
C ALA B 62 -0.87 -6.52 -8.27
N GLU B 63 -1.91 -5.69 -8.31
CA GLU B 63 -2.04 -4.54 -7.38
C GLU B 63 -2.40 -5.03 -5.97
N HIS B 64 -3.22 -6.08 -5.88
CA HIS B 64 -3.46 -6.74 -4.59
C HIS B 64 -2.21 -7.40 -4.02
N ARG B 65 -1.49 -8.11 -4.87
CA ARG B 65 -0.24 -8.78 -4.49
C ARG B 65 0.81 -7.76 -4.00
N TYR B 66 0.95 -6.68 -4.76
CA TYR B 66 1.86 -5.56 -4.40
C TYR B 66 1.49 -4.93 -3.08
N LEU B 67 0.19 -4.69 -2.88
CA LEU B 67 -0.28 -4.04 -1.65
C LEU B 67 -0.14 -4.91 -0.37
N MET B 68 -0.45 -6.19 -0.49
CA MET B 68 -0.21 -7.12 0.63
C MET B 68 1.26 -7.12 0.99
N THR B 69 2.13 -7.07 -0.02
CA THR B 69 3.57 -6.99 0.21
C THR B 69 3.99 -5.68 0.93
N VAL B 70 3.40 -4.55 0.49
CA VAL B 70 3.67 -3.24 1.13
C VAL B 70 3.21 -3.25 2.59
N ILE B 71 1.98 -3.73 2.80
CA ILE B 71 1.42 -3.84 4.13
C ILE B 71 2.30 -4.77 5.00
N ALA B 72 2.63 -5.94 4.48
CA ALA B 72 3.41 -6.95 5.21
C ALA B 72 4.76 -6.44 5.68
N THR B 73 5.42 -5.65 4.82
CA THR B 73 6.77 -5.12 5.07
C THR B 73 6.84 -3.76 5.74
N ALA B 74 5.70 -3.12 5.94
CA ALA B 74 5.61 -1.76 6.50
C ALA B 74 6.38 -1.56 7.80
N SER B 75 6.15 -2.45 8.77
CA SER B 75 6.75 -2.33 10.12
C SER B 75 8.27 -2.59 10.20
N ASN B 76 8.88 -3.12 9.13
CA ASN B 76 10.31 -3.47 9.18
C ASN B 76 11.19 -2.36 8.59
N PRO B 77 12.02 -1.69 9.43
CA PRO B 77 12.82 -0.55 8.92
C PRO B 77 13.67 -0.83 7.69
N ARG B 78 14.15 -2.07 7.53
CA ARG B 78 15.03 -2.46 6.41
C ARG B 78 14.35 -3.04 5.16
N PHE B 79 13.02 -3.10 5.14
CA PHE B 79 12.28 -3.78 4.07
C PHE B 79 11.50 -2.77 3.22
N THR B 80 11.60 -2.88 1.89
CA THR B 80 10.87 -2.03 0.93
C THR B 80 10.27 -2.88 -0.17
N VAL B 81 9.41 -2.26 -0.97
CA VAL B 81 8.80 -2.93 -2.12
C VAL B 81 8.99 -2.13 -3.42
N SER B 82 9.28 -2.87 -4.50
CA SER B 82 9.35 -2.31 -5.84
C SER B 82 8.22 -2.85 -6.73
N ARG B 83 7.58 -1.94 -7.47
CA ARG B 83 6.57 -2.31 -8.47
C ARG B 83 7.16 -2.38 -9.89
N ALA B 84 8.49 -2.38 -10.00
CA ALA B 84 9.16 -2.45 -11.30
C ALA B 84 8.62 -3.58 -12.19
N ASP B 85 8.56 -4.79 -11.63
CA ASP B 85 8.17 -5.97 -12.39
C ASP B 85 6.66 -6.06 -12.67
N ILE B 86 5.81 -5.50 -11.81
CA ILE B 86 4.38 -5.46 -12.14
C ILE B 86 4.11 -4.40 -13.21
N ASP B 87 4.77 -3.25 -13.12
CA ASP B 87 4.63 -2.19 -14.14
C ASP B 87 5.08 -2.64 -15.54
N ARG B 88 6.19 -3.37 -15.61
CA ARG B 88 6.65 -3.96 -16.87
C ARG B 88 5.60 -4.90 -17.47
N GLY B 89 4.97 -5.72 -16.62
CA GLY B 89 3.92 -6.62 -17.09
C GLY B 89 4.44 -7.75 -17.95
N GLY B 90 3.59 -8.73 -18.20
CA GLY B 90 4.02 -9.97 -18.85
C GLY B 90 4.81 -10.82 -17.86
N ALA B 91 5.61 -11.74 -18.40
CA ALA B 91 6.39 -12.67 -17.56
C ALA B 91 7.63 -11.96 -17.04
N THR B 92 7.96 -12.25 -15.79
CA THR B 92 9.14 -11.71 -15.15
C THR B 92 10.29 -12.70 -15.40
N TYR B 93 11.48 -12.16 -15.57
CA TYR B 93 12.70 -12.94 -15.69
C TYR B 93 13.75 -12.25 -14.83
N THR B 94 14.63 -13.05 -14.21
CA THR B 94 15.56 -12.56 -13.17
C THR B 94 16.45 -11.40 -13.61
N VAL B 95 17.10 -11.61 -14.76
CA VAL B 95 17.98 -10.60 -15.37
C VAL B 95 17.28 -9.22 -15.51
N ASP B 96 16.01 -9.23 -15.90
CA ASP B 96 15.23 -8.00 -16.06
C ASP B 96 14.96 -7.37 -14.70
N THR B 97 14.59 -8.20 -13.73
CA THR B 97 14.43 -7.75 -12.34
C THR B 97 15.70 -7.07 -11.85
N LEU B 98 16.83 -7.73 -12.04
CA LEU B 98 18.12 -7.22 -11.54
C LEU B 98 18.68 -6.02 -12.32
N THR B 99 18.60 -6.08 -13.65
CA THR B 99 18.97 -4.95 -14.53
C THR B 99 18.28 -3.66 -14.12
N ASP B 100 16.95 -3.69 -14.04
CA ASP B 100 16.18 -2.53 -13.56
C ASP B 100 16.75 -2.01 -12.26
N LEU B 101 17.07 -2.92 -11.34
CA LEU B 101 17.60 -2.55 -10.03
C LEU B 101 19.04 -2.05 -10.07
N ARG B 102 19.88 -2.58 -10.98
CA ARG B 102 21.24 -2.04 -11.18
C ARG B 102 21.20 -0.56 -11.56
N THR B 103 20.33 -0.21 -12.52
CA THR B 103 20.14 1.17 -12.97
C THR B 103 19.67 2.07 -11.83
N ALA B 104 18.66 1.61 -11.08
CA ALA B 104 18.08 2.39 -9.98
C ALA B 104 19.02 2.59 -8.79
N HIS B 105 19.87 1.59 -8.52
CA HIS B 105 20.83 1.61 -7.40
C HIS B 105 22.23 1.22 -7.95
N PRO B 106 22.90 2.16 -8.63
CA PRO B 106 24.16 1.84 -9.33
C PRO B 106 25.37 1.66 -8.38
N ASP B 107 25.39 2.42 -7.28
CA ASP B 107 26.40 2.28 -6.24
C ASP B 107 25.86 1.35 -5.13
N ALA B 108 25.61 0.08 -5.48
CA ALA B 108 25.09 -0.91 -4.52
C ALA B 108 25.32 -2.37 -4.96
N ASP B 109 25.73 -3.20 -4.00
CA ASP B 109 25.92 -4.63 -4.22
C ASP B 109 24.58 -5.34 -4.05
N LEU B 110 24.24 -6.18 -5.01
CA LEU B 110 22.94 -6.82 -5.09
C LEU B 110 23.02 -8.25 -4.64
N TYR B 111 22.08 -8.64 -3.77
CA TYR B 111 22.00 -9.97 -3.21
C TYR B 111 20.64 -10.55 -3.48
N PHE B 112 20.56 -11.54 -4.37
CA PHE B 112 19.27 -12.08 -4.79
C PHE B 112 18.95 -13.36 -4.02
N ILE B 113 17.78 -13.35 -3.38
CA ILE B 113 17.39 -14.36 -2.41
C ILE B 113 16.34 -15.25 -3.02
N THR B 114 16.59 -16.55 -3.00
CA THR B 114 15.60 -17.51 -3.52
C THR B 114 15.61 -18.77 -2.65
N GLY B 115 14.45 -19.38 -2.47
CA GLY B 115 14.32 -20.54 -1.60
C GLY B 115 14.68 -21.83 -2.29
N ALA B 116 14.86 -22.87 -1.48
CA ALA B 116 15.43 -24.14 -1.94
C ALA B 116 14.69 -24.76 -3.12
N ASP B 117 13.36 -24.69 -3.10
CA ASP B 117 12.51 -25.22 -4.16
C ASP B 117 12.72 -24.52 -5.53
N ALA B 118 13.09 -23.24 -5.49
CA ALA B 118 13.17 -22.36 -6.67
C ALA B 118 14.60 -22.08 -7.14
N LEU B 119 15.61 -22.46 -6.34
CA LEU B 119 17.01 -22.19 -6.69
C LEU B 119 17.47 -22.82 -8.03
N ALA B 120 16.79 -23.88 -8.47
CA ALA B 120 16.94 -24.47 -9.81
C ALA B 120 16.99 -23.48 -10.99
N SER B 121 16.16 -22.43 -10.94
CA SER B 121 16.15 -21.42 -12.00
C SER B 121 17.35 -20.45 -11.94
N GLU B 129 24.60 -16.91 -16.18
CA GLU B 129 25.81 -16.53 -15.44
C GLU B 129 26.31 -15.15 -15.86
N GLN B 130 25.57 -14.51 -16.76
CA GLN B 130 25.55 -13.05 -16.88
C GLN B 130 24.95 -12.50 -15.58
N LEU B 131 24.05 -13.27 -14.97
CA LEU B 131 23.45 -12.99 -13.65
C LEU B 131 24.49 -12.70 -12.57
N PHE B 132 25.55 -13.51 -12.52
CA PHE B 132 26.60 -13.35 -11.50
C PHE B 132 27.40 -12.03 -11.60
N THR B 133 27.34 -11.36 -12.76
CA THR B 133 27.90 -10.01 -12.95
C THR B 133 26.94 -8.87 -12.50
N LEU B 134 25.70 -9.23 -12.17
CA LEU B 134 24.70 -8.28 -11.65
C LEU B 134 24.59 -8.34 -10.12
N ALA B 135 24.52 -9.56 -9.57
CA ALA B 135 24.22 -9.75 -8.15
C ALA B 135 24.85 -11.03 -7.61
N LYS B 136 25.15 -11.03 -6.31
CA LYS B 136 25.48 -12.26 -5.59
C LYS B 136 24.15 -12.96 -5.29
N PHE B 137 24.19 -14.29 -5.17
CA PHE B 137 22.97 -15.06 -4.94
C PHE B 137 22.96 -15.76 -3.59
N ILE B 138 21.77 -15.83 -2.98
CA ILE B 138 21.55 -16.51 -1.71
C ILE B 138 20.45 -17.55 -1.87
N GLY B 139 20.79 -18.80 -1.58
CA GLY B 139 19.82 -19.88 -1.48
C GLY B 139 19.43 -20.10 -0.02
N VAL B 140 18.15 -19.93 0.30
CA VAL B 140 17.63 -20.12 1.66
C VAL B 140 16.91 -21.47 1.78
N SER B 141 17.12 -22.10 2.94
CA SER B 141 16.50 -23.38 3.27
C SER B 141 15.00 -23.24 3.27
N ARG B 142 14.30 -24.31 2.92
CA ARG B 142 12.87 -24.36 3.02
C ARG B 142 12.47 -25.78 3.43
N PRO B 143 11.59 -25.93 4.44
CA PRO B 143 11.15 -27.26 4.88
C PRO B 143 10.50 -28.06 3.76
N GLY B 144 10.79 -29.38 3.72
CA GLY B 144 10.32 -30.28 2.66
C GLY B 144 11.04 -30.17 1.30
N TYR B 145 12.14 -29.41 1.24
CA TYR B 145 12.90 -29.19 0.01
C TYR B 145 14.39 -29.25 0.32
N GLU B 146 15.14 -29.83 -0.61
CA GLU B 146 16.59 -29.93 -0.49
C GLU B 146 17.23 -28.64 -1.01
N LEU B 147 18.24 -28.18 -0.29
CA LEU B 147 18.99 -27.01 -0.65
C LEU B 147 20.38 -27.46 -1.15
N SER B 148 20.65 -27.29 -2.45
CA SER B 148 21.98 -27.59 -3.02
C SER B 148 22.29 -26.79 -4.28
N SER B 149 23.58 -26.70 -4.60
CA SER B 149 24.07 -26.06 -5.82
C SER B 149 24.37 -27.05 -6.97
N ASP B 150 24.00 -28.32 -6.81
CA ASP B 150 24.32 -29.39 -7.76
C ASP B 150 23.24 -29.50 -8.85
N GLY B 161 29.86 -15.89 -4.76
CA GLY B 161 29.00 -16.25 -5.87
C GLY B 161 27.59 -16.69 -5.48
N LEU B 162 27.45 -17.96 -5.11
CA LEU B 162 26.22 -18.51 -4.56
C LEU B 162 26.51 -18.96 -3.12
N SER B 163 25.79 -18.39 -2.17
CA SER B 163 25.83 -18.80 -0.76
C SER B 163 24.55 -19.54 -0.37
N LEU B 164 24.70 -20.63 0.36
CA LEU B 164 23.59 -21.34 0.96
C LEU B 164 23.53 -20.97 2.46
N VAL B 165 22.33 -20.61 2.93
CA VAL B 165 22.11 -20.23 4.33
C VAL B 165 20.85 -20.87 4.89
N GLU B 166 20.97 -21.40 6.11
CA GLU B 166 19.83 -21.96 6.82
C GLU B 166 19.06 -20.80 7.42
N VAL B 167 17.73 -20.85 7.33
CA VAL B 167 16.87 -19.81 7.93
C VAL B 167 15.82 -20.51 8.76
N PRO B 168 15.12 -19.77 9.65
CA PRO B 168 14.12 -20.43 10.49
C PRO B 168 13.11 -21.28 9.69
N ALA B 169 12.91 -22.52 10.14
CA ALA B 169 12.09 -23.48 9.41
C ALA B 169 10.61 -23.24 9.68
N LEU B 170 10.00 -22.46 8.79
CA LEU B 170 8.57 -22.17 8.84
C LEU B 170 7.95 -22.79 7.62
N ALA B 171 7.23 -23.90 7.85
CA ALA B 171 6.65 -24.68 6.78
C ALA B 171 5.36 -23.98 6.37
N ILE B 172 5.54 -22.93 5.58
CA ILE B 172 4.44 -22.05 5.15
C ILE B 172 4.54 -21.91 3.64
N SER B 173 3.41 -22.08 2.96
CA SER B 173 3.32 -21.84 1.52
C SER B 173 2.07 -21.04 1.22
N SER B 174 2.17 -20.20 0.19
CA SER B 174 1.03 -19.42 -0.25
C SER B 174 -0.11 -20.31 -0.71
N THR B 175 0.22 -21.43 -1.36
CA THR B 175 -0.81 -22.41 -1.78
C THR B 175 -1.63 -22.87 -0.60
N ASP B 176 -0.97 -23.27 0.48
CA ASP B 176 -1.67 -23.66 1.73
C ASP B 176 -2.53 -22.50 2.32
N CYS B 177 -1.98 -21.28 2.33
CA CYS B 177 -2.76 -20.10 2.79
C CYS B 177 -3.97 -19.85 1.91
N ARG B 178 -3.83 -20.01 0.58
CA ARG B 178 -4.97 -19.87 -0.34
C ARG B 178 -6.04 -20.93 -0.09
N ILE B 179 -5.60 -22.17 0.06
CA ILE B 179 -6.50 -23.28 0.37
C ILE B 179 -7.20 -23.06 1.72
N ARG B 180 -6.45 -22.65 2.75
CA ARG B 180 -7.07 -22.31 4.05
C ARG B 180 -8.11 -21.20 3.92
N ALA B 181 -7.74 -20.09 3.28
CA ALA B 181 -8.65 -18.94 3.13
C ALA B 181 -9.92 -19.31 2.38
N GLY B 182 -9.78 -20.12 1.34
CA GLY B 182 -10.92 -20.61 0.57
C GLY B 182 -11.88 -21.54 1.31
N GLN B 183 -11.37 -22.25 2.32
CA GLN B 183 -12.19 -23.10 3.21
C GLN B 183 -12.66 -22.43 4.49
N ALA B 184 -12.42 -21.11 4.63
CA ALA B 184 -12.69 -20.35 5.85
C ALA B 184 -11.91 -20.87 7.07
N ARG B 185 -10.65 -21.25 6.83
CA ARG B 185 -9.74 -21.68 7.89
C ARG B 185 -8.66 -20.61 8.10
N PRO B 186 -8.11 -20.53 9.31
CA PRO B 186 -7.35 -19.33 9.69
C PRO B 186 -5.93 -19.32 9.16
N ILE B 187 -5.48 -18.12 8.76
CA ILE B 187 -4.10 -17.85 8.32
C ILE B 187 -3.35 -16.90 9.27
N TRP B 188 -3.96 -16.64 10.42
CA TRP B 188 -3.28 -16.00 11.55
C TRP B 188 -1.95 -16.65 11.89
N TYR B 189 -0.92 -15.83 12.03
CA TYR B 189 0.43 -16.30 12.45
C TYR B 189 1.24 -17.06 11.36
N LEU B 190 0.58 -17.38 10.23
CA LEU B 190 1.22 -17.77 8.96
C LEU B 190 1.53 -16.57 8.06
N VAL B 191 0.67 -15.57 8.09
CA VAL B 191 0.90 -14.27 7.43
C VAL B 191 0.77 -13.14 8.46
N PRO B 192 1.42 -11.99 8.22
CA PRO B 192 1.23 -10.85 9.12
C PRO B 192 -0.23 -10.48 9.38
N ASP B 193 -0.48 -9.91 10.56
CA ASP B 193 -1.82 -9.40 10.91
C ASP B 193 -2.47 -8.59 9.76
N GLY B 194 -1.72 -7.70 9.15
CA GLY B 194 -2.21 -6.87 8.04
C GLY B 194 -2.64 -7.64 6.80
N VAL B 195 -1.99 -8.78 6.55
CA VAL B 195 -2.33 -9.63 5.41
C VAL B 195 -3.59 -10.45 5.73
N VAL B 196 -3.70 -10.92 6.99
CA VAL B 196 -4.97 -11.49 7.50
C VAL B 196 -6.15 -10.56 7.21
N GLN B 197 -6.01 -9.27 7.57
CA GLN B 197 -7.05 -8.23 7.33
C GLN B 197 -7.29 -8.02 5.85
N TYR B 198 -6.21 -7.83 5.10
CA TYR B 198 -6.33 -7.57 3.66
C TYR B 198 -7.05 -8.70 2.92
N VAL B 199 -6.67 -9.95 3.22
CA VAL B 199 -7.28 -11.10 2.55
C VAL B 199 -8.78 -11.16 2.84
N ALA B 200 -9.17 -10.86 4.09
CA ALA B 200 -10.58 -10.89 4.52
C ALA B 200 -11.44 -9.84 3.84
N LYS B 201 -11.04 -8.58 4.02
CA LYS B 201 -11.68 -7.39 3.44
C LYS B 201 -11.94 -7.48 1.91
N HIS B 202 -10.91 -7.85 1.16
CA HIS B 202 -11.01 -7.97 -0.30
C HIS B 202 -11.40 -9.38 -0.78
N ARG B 203 -11.68 -10.31 0.13
CA ARG B 203 -12.21 -11.63 -0.22
C ARG B 203 -11.42 -12.31 -1.36
N LEU B 204 -10.11 -12.36 -1.20
CA LEU B 204 -9.25 -12.73 -2.33
C LEU B 204 -9.37 -14.17 -2.79
N TYR B 205 -9.48 -15.12 -1.85
CA TYR B 205 -9.40 -16.54 -2.21
C TYR B 205 -10.67 -17.34 -1.91
N SER B 206 -11.81 -16.66 -1.75
CA SER B 206 -13.06 -17.33 -1.37
C SER B 206 -13.82 -17.88 -2.58
N GLY B 207 -14.32 -19.12 -2.47
CA GLY B 207 -15.09 -19.75 -3.53
C GLY B 207 -15.87 -20.97 -3.09
#